data_5KZZ
#
_entry.id   5KZZ
#
_cell.length_a   67.656
_cell.length_b   37.352
_cell.length_c   43.151
_cell.angle_alpha   90.000
_cell.angle_beta   97.460
_cell.angle_gamma   90.000
#
_symmetry.space_group_name_H-M   'C 1 2 1'
#
loop_
_entity.id
_entity.type
_entity.pdbx_description
1 polymer Smoothened
2 non-polymer 'ACETATE ION'
3 non-polymer 'ZINC ION'
4 non-polymer GLYCEROL
5 water water
#
_entity_poly.entity_id   1
_entity_poly.type   'polypeptide(L)'
_entity_poly.pdbx_seq_one_letter_code
;AMADIGSDKCKKTTTCEPLKYNICLGSVLPYALTSTVLAEDSSSQDEVHDKLSLWSGLRNAPRCWDAIRPLLCAVYMPKC
EGGKVELPSQGLCQTTRVPCAIVARERGWPDFLKCTTDYFPEGCPNE
;
_entity_poly.pdbx_strand_id   A
#
# COMPACT_ATOMS: atom_id res chain seq x y z
N LYS A 9 13.33 4.91 10.36
CA LYS A 9 13.31 4.28 9.04
C LYS A 9 11.95 3.73 8.68
N CYS A 10 11.13 3.48 9.70
CA CYS A 10 9.83 2.87 9.48
C CYS A 10 8.72 3.88 9.20
N LYS A 11 8.98 5.15 9.50
CA LYS A 11 7.99 6.19 9.35
C LYS A 11 8.54 7.34 8.52
N LYS A 12 7.63 8.07 7.87
CA LYS A 12 8.02 9.20 7.06
C LYS A 12 7.20 10.43 7.46
N THR A 13 7.89 11.56 7.62
CA THR A 13 7.24 12.82 7.99
C THR A 13 6.36 13.36 6.86
N THR A 14 5.14 13.74 7.20
CA THR A 14 4.18 14.18 6.20
C THR A 14 3.03 14.88 6.89
N THR A 15 2.15 15.51 6.12
CA THR A 15 0.96 16.11 6.69
C THR A 15 -0.18 15.11 6.59
N CYS A 16 -0.84 14.83 7.71
CA CYS A 16 -1.97 13.90 7.72
C CYS A 16 -3.27 14.57 7.28
N GLU A 17 -4.06 13.87 6.47
CA GLU A 17 -5.38 14.37 6.10
C GLU A 17 -6.43 13.29 6.33
N PRO A 18 -7.68 13.69 6.58
CA PRO A 18 -8.72 12.68 6.78
C PRO A 18 -8.88 11.81 5.56
N LEU A 19 -9.07 10.52 5.78
CA LEU A 19 -9.34 9.58 4.69
C LEU A 19 -10.58 9.98 3.93
N LYS A 20 -10.46 9.95 2.61
CA LYS A 20 -11.59 10.20 1.74
C LYS A 20 -12.64 9.11 1.91
N TYR A 21 -12.19 7.87 2.09
CA TYR A 21 -13.02 6.68 2.32
C TYR A 21 -12.42 5.85 3.42
N ASN A 22 -13.26 5.14 4.17
CA ASN A 22 -12.80 4.26 5.25
C ASN A 22 -12.70 2.81 4.80
N ILE A 23 -12.86 2.60 3.48
CA ILE A 23 -12.71 1.29 2.82
C ILE A 23 -11.51 1.30 1.86
N CYS A 24 -10.68 0.26 1.90
CA CYS A 24 -9.63 0.07 0.90
C CYS A 24 -9.74 -1.33 0.29
N LEU A 25 -10.11 -1.39 -0.99
CA LEU A 25 -10.18 -2.68 -1.71
C LEU A 25 -10.99 -3.70 -0.90
N GLY A 26 -12.12 -3.26 -0.34
CA GLY A 26 -13.02 -4.15 0.36
C GLY A 26 -12.69 -4.40 1.83
N SER A 27 -11.66 -3.75 2.35
CA SER A 27 -11.35 -3.86 3.76
C SER A 27 -11.70 -2.57 4.47
N VAL A 28 -12.24 -2.69 5.69
CA VAL A 28 -12.54 -1.50 6.49
C VAL A 28 -11.30 -1.06 7.24
N LEU A 29 -10.89 0.20 7.04
CA LEU A 29 -9.71 0.70 7.71
C LEU A 29 -10.09 1.22 9.09
N PRO A 30 -9.36 0.77 10.11
CA PRO A 30 -9.69 1.21 11.48
C PRO A 30 -9.12 2.58 11.84
N TYR A 31 -8.19 3.10 11.04
CA TYR A 31 -7.59 4.41 11.29
C TYR A 31 -8.25 5.49 10.44
N ALA A 32 -8.13 6.74 10.88
CA ALA A 32 -8.89 7.84 10.32
C ALA A 32 -8.14 8.73 9.33
N LEU A 33 -6.82 8.79 9.43
CA LEU A 33 -6.03 9.74 8.66
C LEU A 33 -5.01 9.05 7.76
N THR A 34 -4.60 9.75 6.71
CA THR A 34 -3.71 9.17 5.71
C THR A 34 -2.81 10.22 5.10
N SER A 35 -1.95 9.77 4.19
CA SER A 35 -1.18 10.66 3.34
C SER A 35 -0.96 9.93 2.02
N THR A 36 -0.79 10.71 0.95
CA THR A 36 -0.50 10.14 -0.37
C THR A 36 1.01 10.07 -0.65
N VAL A 37 1.84 10.39 0.36
CA VAL A 37 3.26 10.55 0.13
C VAL A 37 3.97 9.26 -0.32
N LEU A 38 3.44 8.07 0.00
CA LEU A 38 4.07 6.81 -0.41
C LEU A 38 3.67 6.37 -1.80
N ALA A 39 2.53 6.89 -2.27
CA ALA A 39 2.02 6.51 -3.59
C ALA A 39 2.62 7.44 -4.63
N GLU A 40 3.75 7.01 -5.21
CA GLU A 40 4.53 7.89 -6.08
C GLU A 40 3.83 8.22 -7.38
N ASP A 41 2.81 7.44 -7.72
CA ASP A 41 2.02 7.65 -8.93
C ASP A 41 0.76 8.48 -8.70
N SER A 42 0.58 9.04 -7.50
CA SER A 42 -0.68 9.67 -7.15
C SER A 42 -0.49 11.02 -6.47
N SER A 43 -1.22 12.04 -6.90
CA SER A 43 -0.99 13.36 -6.32
C SER A 43 -2.11 13.81 -5.40
N SER A 44 -3.10 12.95 -5.15
CA SER A 44 -4.23 13.29 -4.30
C SER A 44 -4.93 12.02 -3.91
N GLN A 45 -5.80 12.10 -2.91
CA GLN A 45 -6.60 10.91 -2.58
C GLN A 45 -7.56 10.57 -3.71
N ASP A 46 -7.98 11.56 -4.48
CA ASP A 46 -8.79 11.26 -5.67
C ASP A 46 -8.05 10.37 -6.64
N GLU A 47 -6.79 10.71 -6.91
CA GLU A 47 -5.97 9.88 -7.81
CA GLU A 47 -5.98 9.89 -7.81
C GLU A 47 -5.74 8.49 -7.23
N VAL A 48 -5.48 8.41 -5.92
CA VAL A 48 -5.31 7.13 -5.27
C VAL A 48 -6.52 6.23 -5.53
N HIS A 49 -7.72 6.78 -5.38
CA HIS A 49 -8.93 6.01 -5.53
C HIS A 49 -8.99 5.45 -6.96
N ASP A 50 -8.64 6.27 -7.93
CA ASP A 50 -8.68 5.84 -9.32
C ASP A 50 -7.61 4.77 -9.60
N LYS A 51 -6.42 4.91 -9.02
CA LYS A 51 -5.36 3.91 -9.20
CA LYS A 51 -5.36 3.92 -9.19
C LYS A 51 -5.77 2.58 -8.57
N LEU A 52 -6.41 2.63 -7.40
CA LEU A 52 -6.85 1.39 -6.78
C LEU A 52 -7.93 0.69 -7.62
N SER A 53 -8.80 1.47 -8.28
CA SER A 53 -9.80 0.89 -9.18
C SER A 53 -9.09 0.15 -10.31
N LEU A 54 -8.01 0.74 -10.84
CA LEU A 54 -7.25 0.07 -11.90
C LEU A 54 -6.58 -1.21 -11.38
N TRP A 55 -5.99 -1.15 -10.19
CA TRP A 55 -5.38 -2.33 -9.59
C TRP A 55 -6.36 -3.47 -9.40
N SER A 56 -7.64 -3.13 -9.22
CA SER A 56 -8.66 -4.14 -8.92
CA SER A 56 -8.64 -4.14 -8.90
C SER A 56 -8.84 -5.14 -10.04
N GLY A 57 -8.28 -4.85 -11.22
CA GLY A 57 -8.31 -5.81 -12.31
C GLY A 57 -7.63 -7.11 -11.92
N LEU A 58 -6.76 -7.02 -10.92
CA LEU A 58 -5.98 -8.15 -10.46
C LEU A 58 -6.82 -9.16 -9.68
N ARG A 59 -8.08 -8.80 -9.41
CA ARG A 59 -9.00 -9.70 -8.72
C ARG A 59 -9.16 -11.03 -9.46
N ASN A 60 -8.87 -11.03 -10.76
CA ASN A 60 -8.94 -12.23 -11.58
C ASN A 60 -7.80 -13.21 -11.38
N ALA A 61 -6.81 -12.81 -10.58
CA ALA A 61 -5.79 -13.73 -10.05
C ALA A 61 -5.96 -13.79 -8.55
N PRO A 62 -6.91 -14.62 -8.08
CA PRO A 62 -7.38 -14.51 -6.70
C PRO A 62 -6.33 -14.74 -5.62
N ARG A 63 -5.37 -15.62 -5.86
CA ARG A 63 -4.37 -15.87 -4.83
C ARG A 63 -3.43 -14.67 -4.70
N CYS A 64 -2.98 -14.15 -5.83
CA CYS A 64 -2.19 -12.93 -5.78
C CYS A 64 -3.01 -11.78 -5.19
N TRP A 65 -4.27 -11.66 -5.59
CA TRP A 65 -5.10 -10.56 -5.10
C TRP A 65 -5.23 -10.55 -3.58
N ASP A 66 -5.47 -11.71 -2.99
CA ASP A 66 -5.62 -11.76 -1.54
C ASP A 66 -4.34 -11.32 -0.84
N ALA A 67 -3.19 -11.74 -1.38
CA ALA A 67 -1.91 -11.36 -0.79
C ALA A 67 -1.60 -9.87 -0.97
N ILE A 68 -1.91 -9.34 -2.15
CA ILE A 68 -1.47 -7.99 -2.50
C ILE A 68 -2.35 -6.89 -1.90
N ARG A 69 -3.61 -7.21 -1.61
CA ARG A 69 -4.51 -6.19 -1.07
C ARG A 69 -3.91 -5.40 0.12
N PRO A 70 -3.39 -6.08 1.17
CA PRO A 70 -2.88 -5.27 2.28
CA PRO A 70 -2.86 -5.28 2.28
C PRO A 70 -1.63 -4.46 1.88
N LEU A 71 -0.86 -4.94 0.91
CA LEU A 71 0.29 -4.18 0.44
C LEU A 71 -0.18 -2.92 -0.29
N LEU A 72 -1.13 -3.07 -1.20
CA LEU A 72 -1.65 -1.90 -1.91
C LEU A 72 -2.26 -0.91 -0.93
N CYS A 73 -2.99 -1.40 0.06
CA CYS A 73 -3.56 -0.47 1.02
C CYS A 73 -2.50 0.25 1.87
N ALA A 74 -1.42 -0.47 2.21
CA ALA A 74 -0.33 0.12 2.98
C ALA A 74 0.45 1.17 2.19
N VAL A 75 0.44 1.08 0.86
CA VAL A 75 1.10 2.05 0.01
C VAL A 75 0.18 3.23 -0.34
N TYR A 76 -1.06 2.92 -0.72
CA TYR A 76 -1.96 3.92 -1.26
C TYR A 76 -2.82 4.61 -0.22
N MET A 77 -3.23 3.88 0.83
CA MET A 77 -4.08 4.44 1.87
C MET A 77 -3.49 4.17 3.24
N PRO A 78 -2.21 4.57 3.45
CA PRO A 78 -1.52 4.22 4.70
C PRO A 78 -2.06 5.00 5.89
N LYS A 79 -1.82 4.46 7.07
CA LYS A 79 -2.14 5.16 8.30
C LYS A 79 -1.19 6.31 8.57
N CYS A 80 -1.77 7.46 8.88
CA CYS A 80 -1.02 8.66 9.25
C CYS A 80 -1.46 9.08 10.64
N GLU A 81 -0.49 9.38 11.50
CA GLU A 81 -0.78 9.84 12.86
C GLU A 81 0.41 10.64 13.33
N GLY A 82 0.16 11.78 13.98
CA GLY A 82 1.23 12.60 14.51
C GLY A 82 2.20 13.12 13.48
N GLY A 83 1.70 13.41 12.27
CA GLY A 83 2.53 13.93 11.20
C GLY A 83 3.51 12.92 10.63
N LYS A 84 3.21 11.63 10.81
CA LYS A 84 4.05 10.56 10.31
C LYS A 84 3.22 9.46 9.66
N VAL A 85 3.70 8.97 8.54
CA VAL A 85 3.06 7.84 7.92
C VAL A 85 3.93 6.60 8.13
N GLU A 86 3.30 5.45 8.35
CA GLU A 86 4.00 4.18 8.46
C GLU A 86 4.25 3.60 7.06
N LEU A 87 5.44 3.05 6.82
CA LEU A 87 5.78 2.44 5.52
C LEU A 87 5.38 0.96 5.47
N PRO A 88 5.12 0.41 4.25
CA PRO A 88 4.87 -1.03 4.11
C PRO A 88 6.12 -1.80 4.50
N SER A 89 5.96 -2.94 5.14
CA SER A 89 7.12 -3.64 5.70
C SER A 89 7.83 -4.56 4.70
N GLN A 90 9.11 -4.81 4.98
CA GLN A 90 9.85 -5.80 4.22
C GLN A 90 9.14 -7.16 4.24
N GLY A 91 8.62 -7.56 5.41
CA GLY A 91 7.96 -8.84 5.54
C GLY A 91 6.74 -8.94 4.66
N LEU A 92 5.92 -7.91 4.69
CA LEU A 92 4.74 -7.89 3.82
C LEU A 92 5.12 -7.97 2.34
N CYS A 93 6.13 -7.23 1.91
CA CYS A 93 6.60 -7.35 0.53
C CYS A 93 7.08 -8.77 0.18
N GLN A 94 7.87 -9.39 1.06
CA GLN A 94 8.44 -10.68 0.70
C GLN A 94 7.37 -11.76 0.60
N THR A 95 6.34 -11.65 1.41
CA THR A 95 5.28 -12.65 1.35
C THR A 95 4.48 -12.50 0.07
N THR A 96 4.26 -11.26 -0.35
CA THR A 96 3.41 -11.01 -1.50
CA THR A 96 3.42 -10.98 -1.49
C THR A 96 4.10 -11.38 -2.80
N ARG A 97 5.42 -11.33 -2.81
CA ARG A 97 6.23 -11.64 -3.99
C ARG A 97 5.96 -13.03 -4.53
N VAL A 98 5.67 -13.99 -3.66
CA VAL A 98 5.56 -15.34 -4.16
C VAL A 98 4.24 -15.54 -4.89
N PRO A 99 3.08 -15.28 -4.22
CA PRO A 99 1.86 -15.48 -5.02
C PRO A 99 1.70 -14.52 -6.18
N CYS A 100 2.40 -13.39 -6.16
CA CYS A 100 2.28 -12.42 -7.23
C CYS A 100 3.53 -12.44 -8.08
N ALA A 101 4.29 -13.53 -8.02
CA ALA A 101 5.55 -13.63 -8.76
C ALA A 101 5.34 -13.50 -10.26
N ILE A 102 4.48 -14.35 -10.80
CA ILE A 102 4.20 -14.39 -12.24
C ILE A 102 3.67 -13.05 -12.71
N VAL A 103 2.69 -12.52 -11.97
CA VAL A 103 2.16 -11.20 -12.22
C VAL A 103 3.23 -10.15 -11.95
N ALA A 104 3.33 -9.16 -12.82
CA ALA A 104 4.33 -8.09 -12.66
C ALA A 104 5.75 -8.65 -12.51
N ARG A 105 6.38 -8.97 -13.64
CA ARG A 105 7.73 -9.50 -13.64
C ARG A 105 8.48 -9.04 -14.89
N TRP A 109 6.78 -2.26 -11.42
CA TRP A 109 7.10 -1.92 -10.04
C TRP A 109 8.33 -2.70 -9.55
N PRO A 110 9.52 -2.35 -10.06
CA PRO A 110 10.74 -3.09 -9.72
C PRO A 110 11.05 -3.11 -8.23
N ASP A 111 10.66 -2.08 -7.48
CA ASP A 111 10.86 -2.07 -6.02
C ASP A 111 10.16 -3.23 -5.32
N PHE A 112 8.97 -3.57 -5.81
CA PHE A 112 8.21 -4.71 -5.34
C PHE A 112 8.92 -6.03 -5.66
N LEU A 113 9.40 -6.16 -6.89
CA LEU A 113 10.08 -7.38 -7.30
C LEU A 113 11.35 -7.64 -6.47
N LYS A 114 12.01 -6.55 -6.06
CA LYS A 114 13.27 -6.63 -5.33
C LYS A 114 13.05 -6.51 -3.81
N CYS A 115 11.85 -6.07 -3.42
CA CYS A 115 11.52 -5.67 -2.06
C CYS A 115 12.59 -4.76 -1.50
N THR A 116 12.80 -3.62 -2.15
CA THR A 116 13.88 -2.74 -1.73
C THR A 116 13.65 -2.24 -0.32
N THR A 117 14.73 -2.11 0.42
CA THR A 117 14.65 -1.87 1.85
C THR A 117 14.45 -0.40 2.25
N ASP A 118 14.55 0.52 1.30
CA ASP A 118 14.17 1.88 1.61
C ASP A 118 12.64 2.04 1.54
N TYR A 119 12.02 1.40 0.55
CA TYR A 119 10.57 1.50 0.38
C TYR A 119 9.81 0.52 1.28
N PHE A 120 10.41 -0.64 1.51
CA PHE A 120 9.84 -1.70 2.34
C PHE A 120 10.83 -1.99 3.48
N PRO A 121 10.87 -1.12 4.48
CA PRO A 121 11.93 -1.24 5.50
C PRO A 121 11.76 -2.46 6.39
N GLU A 122 12.88 -2.86 6.95
CA GLU A 122 12.92 -3.96 7.87
C GLU A 122 12.84 -3.44 9.31
N GLY A 123 12.24 -4.23 10.19
CA GLY A 123 12.21 -3.91 11.61
C GLY A 123 11.11 -2.96 12.02
N CYS A 124 10.02 -2.95 11.26
CA CYS A 124 8.90 -2.04 11.52
C CYS A 124 7.78 -2.69 12.33
N PRO A 125 7.14 -1.89 13.20
CA PRO A 125 6.13 -2.44 14.13
C PRO A 125 4.93 -3.07 13.44
N ASN A 126 4.54 -2.60 12.26
CA ASN A 126 3.33 -3.11 11.61
C ASN A 126 3.56 -4.29 10.69
N GLU A 127 4.73 -4.93 10.79
CA GLU A 127 5.00 -6.04 9.90
C GLU A 127 4.16 -7.26 10.25
#